data_5FGY
#
_entry.id   5FGY
#
_cell.length_a   112.420
_cell.length_b   112.420
_cell.length_c   49.500
_cell.angle_alpha   90.00
_cell.angle_beta   90.00
_cell.angle_gamma   120.00
#
_symmetry.space_group_name_H-M   'P 61'
#
loop_
_entity.id
_entity.type
_entity.pdbx_description
1 polymer Protease
2 polymer pVIC
3 water water
#
loop_
_entity_poly.entity_id
_entity_poly.type
_entity_poly.pdbx_seq_one_letter_code
_entity_poly.pdbx_strand_id
1 'polypeptide(L)'
;MGSSEQELKAIVKDLGCGPYFLGTYDKRFPGFVSPHKLACAIVNTAGRETGGVHWMAFAWNPRSKTCYLFEPFGFSDQRL
KQVYQFEYESLLRRSAIASSPDRCITLEKSTQSVQGPNSAACGLFCCMFLHAFANWPQTPMDHNPTMNLITGVPNSMLNS
PQVQPTLRRNQEQLYSFLERHSPYFRSHSAQIRSATSFCHLKNM
;
A
2 'polypeptide(L)' GVQSLKRRRCF B
#
# COMPACT_ATOMS: atom_id res chain seq x y z
N GLY A 2 3.59 -0.18 17.86
CA GLY A 2 2.15 -0.48 17.59
C GLY A 2 1.85 -0.80 16.12
N SER A 3 1.89 0.21 15.26
CA SER A 3 1.49 0.06 13.87
C SER A 3 -0.02 -0.06 13.78
N SER A 4 -0.50 -0.83 12.81
CA SER A 4 -1.93 -1.05 12.65
C SER A 4 -2.22 -2.54 12.59
N GLU A 5 -3.15 -3.01 13.42
CA GLU A 5 -3.46 -4.43 13.48
C GLU A 5 -4.96 -4.68 13.47
N GLN A 6 -5.41 -5.53 12.56
CA GLN A 6 -6.83 -5.85 12.44
C GLN A 6 -7.69 -4.59 12.36
N GLU A 7 -7.05 -3.48 12.02
CA GLU A 7 -7.75 -2.20 11.89
C GLU A 7 -8.04 -1.87 10.43
N LEU A 8 -7.06 -2.14 9.57
CA LEU A 8 -7.20 -1.88 8.14
C LEU A 8 -8.56 -2.36 7.63
N LYS A 9 -8.91 -3.59 7.99
CA LYS A 9 -10.18 -4.17 7.56
C LYS A 9 -11.34 -3.20 7.79
N ALA A 10 -11.46 -2.72 9.01
CA ALA A 10 -12.52 -1.79 9.36
C ALA A 10 -12.40 -0.49 8.54
N ILE A 11 -11.19 0.07 8.46
CA ILE A 11 -10.96 1.30 7.73
C ILE A 11 -11.23 1.11 6.23
N VAL A 12 -10.64 0.07 5.66
CA VAL A 12 -10.85 -0.24 4.23
C VAL A 12 -12.34 -0.43 3.88
N LYS A 13 -13.09 -1.08 4.78
CA LYS A 13 -14.53 -1.21 4.64
C LYS A 13 -15.19 0.18 4.71
N ASP A 14 -14.83 0.99 5.70
CA ASP A 14 -15.35 2.36 5.77
C ASP A 14 -15.11 3.12 4.45
N LEU A 15 -13.95 2.90 3.82
CA LEU A 15 -13.57 3.65 2.65
C LEU A 15 -14.26 3.19 1.36
N GLY A 16 -15.14 2.20 1.42
CA GLY A 16 -15.91 1.74 0.26
C GLY A 16 -15.20 0.70 -0.57
N CYS A 17 -14.12 0.11 -0.04
CA CYS A 17 -13.40 -0.94 -0.76
C CYS A 17 -13.95 -2.35 -0.62
N GLY A 18 -14.95 -2.55 0.25
CA GLY A 18 -15.58 -3.85 0.48
C GLY A 18 -15.84 -4.73 -0.72
N PRO A 19 -16.43 -4.17 -1.79
CA PRO A 19 -16.68 -5.02 -2.97
C PRO A 19 -15.41 -5.58 -3.67
N TYR A 20 -14.24 -4.99 -3.42
CA TYR A 20 -12.99 -5.41 -4.07
C TYR A 20 -11.96 -6.04 -3.12
N PHE A 21 -12.16 -5.95 -1.81
CA PHE A 21 -11.10 -6.22 -0.84
C PHE A 21 -11.05 -7.69 -0.43
N LEU A 22 -9.94 -8.37 -0.72
CA LEU A 22 -9.81 -9.77 -0.35
C LEU A 22 -9.47 -9.98 1.14
N GLY A 23 -8.89 -8.98 1.81
CA GLY A 23 -8.47 -9.12 3.20
C GLY A 23 -7.03 -8.69 3.40
N THR A 24 -6.56 -8.94 4.61
CA THR A 24 -5.17 -8.76 5.02
C THR A 24 -4.51 -10.12 5.07
N TYR A 25 -3.28 -10.18 4.56
CA TYR A 25 -2.52 -11.41 4.46
C TYR A 25 -1.13 -11.13 4.97
N ASP A 26 -0.42 -12.20 5.29
CA ASP A 26 1.02 -12.11 5.51
C ASP A 26 1.74 -12.31 4.17
N LYS A 27 3.05 -12.49 4.20
CA LYS A 27 3.86 -12.59 3.00
C LYS A 27 3.50 -13.76 2.08
N ARG A 28 2.72 -14.73 2.59
CA ARG A 28 2.28 -15.88 1.80
C ARG A 28 1.08 -15.59 0.93
N PHE A 29 0.58 -14.35 0.88
CA PHE A 29 -0.52 -14.01 -0.03
C PHE A 29 -0.45 -14.82 -1.36
N PRO A 30 -1.45 -15.68 -1.64
CA PRO A 30 -1.36 -16.51 -2.85
C PRO A 30 -1.38 -15.74 -4.17
N GLY A 31 -2.10 -14.61 -4.20
CA GLY A 31 -2.22 -13.82 -5.39
C GLY A 31 -3.68 -13.72 -5.71
N PHE A 32 -3.96 -13.21 -6.91
CA PHE A 32 -5.33 -12.91 -7.34
C PHE A 32 -5.83 -13.99 -8.28
N VAL A 33 -7.07 -14.42 -8.05
CA VAL A 33 -7.82 -15.27 -8.97
C VAL A 33 -9.04 -14.45 -9.29
N SER A 34 -8.87 -13.53 -10.23
CA SER A 34 -9.87 -12.52 -10.43
C SER A 34 -9.87 -12.11 -11.91
N PRO A 35 -10.28 -13.05 -12.78
CA PRO A 35 -10.26 -12.75 -14.21
C PRO A 35 -11.21 -11.62 -14.66
N HIS A 36 -12.24 -11.33 -13.87
CA HIS A 36 -13.28 -10.39 -14.29
C HIS A 36 -13.52 -9.21 -13.36
N LYS A 37 -13.09 -9.27 -12.10
CA LYS A 37 -13.43 -8.27 -11.13
C LYS A 37 -12.16 -7.55 -10.68
N LEU A 38 -12.30 -6.27 -10.34
CA LEU A 38 -11.31 -5.53 -9.58
C LEU A 38 -11.13 -6.20 -8.23
N ALA A 39 -9.88 -6.34 -7.80
CA ALA A 39 -9.55 -6.92 -6.50
C ALA A 39 -8.34 -6.22 -5.90
N CYS A 40 -8.24 -6.30 -4.59
CA CYS A 40 -7.09 -5.79 -3.86
C CYS A 40 -6.87 -6.49 -2.53
N ALA A 41 -5.69 -6.24 -1.95
CA ALA A 41 -5.30 -6.87 -0.67
C ALA A 41 -4.24 -6.07 0.03
N ILE A 42 -4.21 -6.16 1.35
CA ILE A 42 -3.11 -5.61 2.14
C ILE A 42 -2.27 -6.78 2.58
N VAL A 43 -0.95 -6.68 2.37
CA VAL A 43 0.01 -7.80 2.49
C VAL A 43 1.20 -7.33 3.32
N ASN A 44 1.55 -8.13 4.33
CA ASN A 44 2.69 -7.90 5.16
C ASN A 44 3.96 -8.47 4.52
N THR A 45 5.09 -7.82 4.81
CA THR A 45 6.38 -8.33 4.39
C THR A 45 6.77 -9.60 5.12
N ALA A 46 6.26 -9.79 6.33
CA ALA A 46 6.65 -10.93 7.17
C ALA A 46 5.58 -12.01 7.17
N GLY A 47 5.92 -13.14 7.74
CA GLY A 47 4.96 -14.21 8.00
C GLY A 47 4.23 -13.97 9.33
N ARG A 48 3.00 -14.47 9.40
CA ARG A 48 2.22 -14.38 10.65
C ARG A 48 2.99 -14.82 11.88
N GLU A 49 3.83 -15.84 11.73
CA GLU A 49 4.70 -16.38 12.81
C GLU A 49 5.53 -15.32 13.56
N THR A 50 5.95 -14.27 12.86
CA THR A 50 6.81 -13.21 13.42
C THR A 50 6.04 -11.99 13.95
N GLY A 51 4.75 -11.87 13.66
CA GLY A 51 3.97 -10.72 14.17
C GLY A 51 3.60 -9.66 13.11
N GLY A 52 4.40 -9.50 12.09
CA GLY A 52 4.05 -8.45 11.14
C GLY A 52 5.06 -7.32 11.30
N VAL A 53 5.62 -6.90 10.18
CA VAL A 53 6.68 -5.93 10.15
C VAL A 53 6.20 -4.72 9.38
N HIS A 54 5.67 -4.89 8.18
CA HIS A 54 5.43 -3.77 7.30
C HIS A 54 4.35 -4.14 6.30
N TRP A 55 3.46 -3.19 6.04
CA TRP A 55 2.28 -3.40 5.22
C TRP A 55 2.45 -2.82 3.81
N MET A 56 1.97 -3.55 2.81
CA MET A 56 1.86 -3.07 1.46
C MET A 56 0.48 -3.39 0.88
N ALA A 57 0.12 -2.71 -0.21
CA ALA A 57 -1.13 -2.92 -0.92
C ALA A 57 -0.84 -3.47 -2.30
N PHE A 58 -1.58 -4.49 -2.67
CA PHE A 58 -1.60 -5.03 -4.03
C PHE A 58 -3.01 -4.84 -4.53
N ALA A 59 -3.14 -4.55 -5.82
CA ALA A 59 -4.43 -4.35 -6.48
C ALA A 59 -4.33 -4.92 -7.89
N TRP A 60 -5.46 -5.44 -8.39
CA TRP A 60 -5.51 -6.12 -9.63
C TRP A 60 -6.62 -5.57 -10.47
N ASN A 61 -6.28 -5.10 -11.67
CA ASN A 61 -7.26 -4.64 -12.64
C ASN A 61 -7.24 -5.56 -13.86
N PRO A 62 -8.22 -6.49 -13.96
CA PRO A 62 -8.24 -7.42 -15.08
C PRO A 62 -8.59 -6.76 -16.42
N ARG A 63 -9.31 -5.64 -16.41
CA ARG A 63 -9.70 -4.97 -17.68
C ARG A 63 -8.46 -4.28 -18.29
N SER A 64 -7.65 -3.64 -17.47
CA SER A 64 -6.40 -3.04 -17.96
C SER A 64 -5.19 -3.98 -17.92
N LYS A 65 -5.37 -5.19 -17.38
CA LYS A 65 -4.30 -6.14 -17.19
C LYS A 65 -3.12 -5.55 -16.37
N THR A 66 -3.44 -5.00 -15.21
CA THR A 66 -2.44 -4.34 -14.38
C THR A 66 -2.54 -4.86 -12.97
N CYS A 67 -1.39 -5.22 -12.44
CA CYS A 67 -1.19 -5.47 -11.02
C CYS A 67 -0.43 -4.29 -10.43
N TYR A 68 -1.05 -3.63 -9.43
CA TYR A 68 -0.45 -2.53 -8.71
C TYR A 68 0.21 -3.02 -7.43
N LEU A 69 1.43 -2.57 -7.17
CA LEU A 69 2.07 -2.69 -5.85
C LEU A 69 2.35 -1.26 -5.31
N PHE A 70 1.69 -0.95 -4.20
CA PHE A 70 1.92 0.26 -3.43
C PHE A 70 2.54 -0.15 -2.08
N GLU A 71 3.85 0.02 -1.97
CA GLU A 71 4.59 -0.21 -0.74
C GLU A 71 5.01 1.23 -0.39
N PRO A 72 4.61 1.74 0.82
CA PRO A 72 4.70 3.18 1.08
C PRO A 72 6.09 3.81 1.03
N PHE A 73 7.16 3.06 1.23
CA PHE A 73 8.49 3.59 1.01
C PHE A 73 8.99 3.56 -0.42
N GLY A 74 8.34 2.80 -1.29
CA GLY A 74 8.80 2.73 -2.67
C GLY A 74 10.18 2.09 -2.90
N PHE A 75 10.56 1.16 -2.04
CA PHE A 75 11.79 0.45 -2.19
C PHE A 75 11.84 -0.33 -3.50
N SER A 76 13.04 -0.45 -4.06
CA SER A 76 13.30 -1.38 -5.16
C SER A 76 13.06 -2.81 -4.71
N ASP A 77 12.93 -3.70 -5.70
CA ASP A 77 12.75 -5.12 -5.43
C ASP A 77 13.92 -5.66 -4.62
N GLN A 78 15.10 -5.19 -4.97
CA GLN A 78 16.32 -5.63 -4.28
C GLN A 78 16.31 -5.17 -2.82
N ARG A 79 15.89 -3.93 -2.57
CA ARG A 79 15.83 -3.43 -1.19
C ARG A 79 14.69 -4.11 -0.42
N LEU A 80 13.59 -4.49 -1.08
CA LEU A 80 12.57 -5.29 -0.39
C LEU A 80 13.11 -6.63 0.07
N LYS A 81 13.94 -7.25 -0.78
CA LYS A 81 14.54 -8.52 -0.42
C LYS A 81 15.54 -8.29 0.72
N GLN A 82 16.39 -7.27 0.61
CA GLN A 82 17.46 -7.13 1.61
C GLN A 82 16.97 -6.50 2.94
N VAL A 83 16.05 -5.56 2.89
CA VAL A 83 15.51 -4.94 4.11
C VAL A 83 14.46 -5.85 4.78
N TYR A 84 13.57 -6.44 3.98
CA TYR A 84 12.43 -7.19 4.53
C TYR A 84 12.36 -8.70 4.22
N GLN A 85 13.36 -9.27 3.55
CA GLN A 85 13.29 -10.68 3.04
C GLN A 85 11.97 -10.96 2.31
N PHE A 86 11.51 -10.01 1.52
CA PHE A 86 10.24 -10.16 0.87
C PHE A 86 10.41 -10.14 -0.63
N GLU A 87 9.70 -11.07 -1.25
CA GLU A 87 9.78 -11.41 -2.67
C GLU A 87 8.30 -11.52 -3.05
N TYR A 88 7.90 -10.86 -4.13
CA TYR A 88 6.52 -10.98 -4.67
C TYR A 88 6.44 -11.58 -6.08
N GLU A 89 7.57 -12.10 -6.59
CA GLU A 89 7.60 -12.83 -7.86
C GLU A 89 6.58 -13.99 -7.89
N SER A 90 6.54 -14.78 -6.81
CA SER A 90 5.65 -15.95 -6.76
C SER A 90 4.19 -15.57 -6.85
N LEU A 91 3.78 -14.56 -6.10
CA LEU A 91 2.37 -14.20 -6.07
C LEU A 91 1.98 -13.50 -7.37
N LEU A 92 2.95 -12.81 -7.98
CA LEU A 92 2.74 -12.18 -9.25
C LEU A 92 2.49 -13.25 -10.32
N ARG A 93 3.34 -14.29 -10.35
CA ARG A 93 3.20 -15.40 -11.28
C ARG A 93 1.87 -16.13 -11.12
N ARG A 94 1.52 -16.47 -9.86
CA ARG A 94 0.26 -17.18 -9.58
C ARG A 94 -0.93 -16.33 -10.00
N SER A 95 -0.88 -15.02 -9.72
CA SER A 95 -1.93 -14.10 -10.16
C SER A 95 -2.13 -14.09 -11.69
N ALA A 96 -1.04 -13.96 -12.43
CA ALA A 96 -1.14 -13.90 -13.89
C ALA A 96 -1.61 -15.23 -14.45
N ILE A 97 -1.18 -16.36 -13.87
CA ILE A 97 -1.61 -17.69 -14.38
C ILE A 97 -3.11 -17.83 -14.16
N ALA A 98 -3.58 -17.48 -12.96
CA ALA A 98 -4.99 -17.64 -12.63
C ALA A 98 -5.90 -16.62 -13.31
N SER A 99 -5.44 -15.38 -13.48
CA SER A 99 -6.35 -14.27 -13.81
C SER A 99 -6.27 -13.77 -15.26
N SER A 100 -5.13 -13.94 -15.92
CA SER A 100 -4.95 -13.42 -17.27
C SER A 100 -5.09 -14.56 -18.28
N PRO A 101 -5.96 -14.40 -19.31
CA PRO A 101 -6.06 -15.41 -20.38
C PRO A 101 -4.73 -15.73 -21.05
N ASP A 102 -3.86 -14.72 -21.17
CA ASP A 102 -2.55 -14.84 -21.83
C ASP A 102 -1.39 -15.07 -20.85
N ARG A 103 -1.67 -15.21 -19.56
CA ARG A 103 -0.62 -15.43 -18.54
C ARG A 103 0.36 -14.25 -18.38
N CYS A 104 -0.09 -13.06 -18.79
CA CYS A 104 0.71 -11.85 -18.74
C CYS A 104 -0.01 -10.76 -17.96
N ILE A 105 0.77 -9.83 -17.45
CA ILE A 105 0.24 -8.61 -16.82
C ILE A 105 1.28 -7.51 -16.84
N THR A 106 0.81 -6.29 -16.61
CA THR A 106 1.68 -5.17 -16.35
C THR A 106 1.79 -4.96 -14.83
N LEU A 107 3.01 -5.08 -14.30
CA LEU A 107 3.28 -4.72 -12.92
C LEU A 107 3.47 -3.22 -12.87
N GLU A 108 2.66 -2.52 -12.09
CA GLU A 108 2.93 -1.12 -11.83
C GLU A 108 3.20 -0.91 -10.37
N LYS A 109 4.43 -0.49 -10.04
CA LYS A 109 4.83 -0.28 -8.63
C LYS A 109 5.39 1.10 -8.31
N SER A 110 5.04 1.58 -7.13
CA SER A 110 5.50 2.84 -6.64
C SER A 110 7.00 2.86 -6.53
N THR A 111 7.59 3.95 -6.98
CA THR A 111 9.02 4.14 -6.88
C THR A 111 9.39 5.27 -5.90
N GLN A 112 8.41 5.78 -5.14
CA GLN A 112 8.64 6.94 -4.29
C GLN A 112 8.14 6.66 -2.88
N SER A 113 8.71 7.38 -1.92
CA SER A 113 8.27 7.27 -0.55
C SER A 113 7.28 8.34 -0.20
N VAL A 114 6.16 7.93 0.43
CA VAL A 114 5.24 8.88 1.05
C VAL A 114 5.34 8.91 2.57
N GLN A 115 6.01 7.91 3.13
CA GLN A 115 6.06 7.63 4.58
C GLN A 115 7.44 7.99 5.13
N GLY A 116 7.47 8.64 6.27
CA GLY A 116 8.74 8.95 6.93
C GLY A 116 9.43 7.70 7.43
N PRO A 117 10.76 7.72 7.51
CA PRO A 117 11.47 6.53 7.90
C PRO A 117 11.23 6.08 9.36
N ASN A 118 10.78 6.97 10.23
CA ASN A 118 10.41 6.64 11.60
C ASN A 118 8.91 6.49 11.83
N SER A 119 8.10 6.56 10.76
CA SER A 119 6.67 6.53 10.88
C SER A 119 6.16 5.09 11.04
N ALA A 120 5.08 4.90 11.79
CA ALA A 120 4.39 3.59 11.82
C ALA A 120 3.01 3.64 11.16
N ALA A 121 2.88 4.46 10.13
CA ALA A 121 1.62 4.66 9.44
C ALA A 121 1.46 3.85 8.14
N CYS A 122 2.35 2.87 7.90
CA CYS A 122 2.34 2.08 6.65
C CYS A 122 0.97 1.52 6.26
N GLY A 123 0.30 0.92 7.25
CA GLY A 123 -0.98 0.31 7.02
C GLY A 123 -2.03 1.32 6.62
N LEU A 124 -2.02 2.46 7.31
CA LEU A 124 -2.94 3.54 7.00
C LEU A 124 -2.70 4.09 5.58
N PHE A 125 -1.44 4.32 5.18
CA PHE A 125 -1.14 4.72 3.79
C PHE A 125 -1.72 3.70 2.76
N CYS A 126 -1.62 2.41 3.07
CA CYS A 126 -2.16 1.39 2.21
C CYS A 126 -3.69 1.51 2.05
N CYS A 127 -4.36 1.86 3.13
CA CYS A 127 -5.79 2.05 3.12
C CYS A 127 -6.14 3.21 2.18
N MET A 128 -5.34 4.26 2.26
CA MET A 128 -5.53 5.46 1.44
C MET A 128 -5.36 5.14 -0.06
N PHE A 129 -4.29 4.43 -0.40
CA PHE A 129 -4.12 3.94 -1.75
C PHE A 129 -5.29 3.09 -2.26
N LEU A 130 -5.79 2.18 -1.43
CA LEU A 130 -6.92 1.34 -1.86
C LEU A 130 -8.23 2.11 -2.08
N HIS A 131 -8.47 3.18 -1.33
CA HIS A 131 -9.57 4.11 -1.66
C HIS A 131 -9.37 4.64 -3.07
N ALA A 132 -8.13 5.10 -3.35
CA ALA A 132 -7.80 5.60 -4.69
C ALA A 132 -8.04 4.53 -5.74
N PHE A 133 -7.65 3.28 -5.46
CA PHE A 133 -7.83 2.18 -6.40
C PHE A 133 -9.30 1.92 -6.68
N ALA A 134 -10.08 1.87 -5.60
CA ALA A 134 -11.51 1.58 -5.70
C ALA A 134 -12.24 2.65 -6.49
N ASN A 135 -11.74 3.88 -6.43
CA ASN A 135 -12.41 4.99 -7.10
C ASN A 135 -11.81 5.35 -8.49
N TRP A 136 -10.53 5.05 -8.69
CA TRP A 136 -9.84 5.37 -9.93
C TRP A 136 -8.91 4.21 -10.32
N PRO A 137 -9.51 3.07 -10.72
CA PRO A 137 -8.78 1.82 -10.91
C PRO A 137 -7.80 1.82 -12.08
N GLN A 138 -7.90 2.83 -12.94
CA GLN A 138 -6.91 3.01 -14.00
C GLN A 138 -5.80 4.01 -13.66
N THR A 139 -5.89 4.71 -12.53
CA THR A 139 -4.84 5.69 -12.17
C THR A 139 -4.75 5.87 -10.67
N PRO A 140 -4.59 4.75 -9.94
CA PRO A 140 -4.60 4.83 -8.50
C PRO A 140 -3.35 5.48 -7.86
N MET A 141 -2.21 5.46 -8.57
CA MET A 141 -0.94 5.93 -7.96
C MET A 141 -0.89 7.45 -7.79
N ASP A 142 -1.48 8.16 -8.76
CA ASP A 142 -1.42 9.60 -8.81
C ASP A 142 -2.44 10.14 -9.79
N HIS A 143 -2.47 11.47 -9.94
CA HIS A 143 -3.47 12.14 -10.76
C HIS A 143 -4.88 11.62 -10.39
N ASN A 144 -5.17 11.62 -9.11
CA ASN A 144 -6.54 11.39 -8.66
C ASN A 144 -6.78 12.15 -7.36
N PRO A 145 -8.06 12.39 -6.96
CA PRO A 145 -8.30 13.27 -5.82
C PRO A 145 -7.68 12.79 -4.47
N THR A 146 -7.68 11.50 -4.22
CA THR A 146 -7.06 10.96 -3.02
C THR A 146 -5.54 11.12 -2.99
N MET A 147 -4.84 10.56 -3.97
CA MET A 147 -3.39 10.57 -3.95
C MET A 147 -2.83 11.93 -4.29
N ASN A 148 -3.63 12.83 -4.87
CA ASN A 148 -3.19 14.23 -4.99
C ASN A 148 -2.94 14.91 -3.63
N LEU A 149 -3.46 14.35 -2.55
CA LEU A 149 -3.27 14.90 -1.19
C LEU A 149 -1.89 14.70 -0.58
N ILE A 150 -1.13 13.74 -1.10
CA ILE A 150 0.19 13.43 -0.58
C ILE A 150 1.21 13.47 -1.71
N THR A 151 2.49 13.65 -1.36
CA THR A 151 3.56 13.83 -2.36
C THR A 151 4.68 12.85 -2.10
N GLY A 152 4.93 11.96 -3.02
CA GLY A 152 6.08 11.08 -2.99
C GLY A 152 7.40 11.78 -3.19
N VAL A 153 8.45 11.21 -2.62
CA VAL A 153 9.83 11.70 -2.85
C VAL A 153 10.66 10.51 -3.28
N PRO A 154 11.73 10.73 -4.09
CA PRO A 154 12.64 9.64 -4.46
C PRO A 154 13.03 8.79 -3.25
N ASN A 155 12.95 7.48 -3.39
CA ASN A 155 13.28 6.56 -2.29
C ASN A 155 14.73 6.75 -1.81
N SER A 156 15.66 7.10 -2.71
CA SER A 156 17.02 7.44 -2.32
C SER A 156 17.13 8.58 -1.27
N MET A 157 16.11 9.42 -1.17
CA MET A 157 16.11 10.56 -0.25
C MET A 157 15.28 10.30 1.00
N LEU A 158 14.91 9.05 1.26
CA LEU A 158 14.03 8.71 2.38
C LEU A 158 14.47 9.28 3.73
N ASN A 159 15.77 9.22 3.98
CA ASN A 159 16.37 9.73 5.23
C ASN A 159 16.96 11.11 5.12
N SER A 160 16.73 11.83 4.03
CA SER A 160 17.29 13.18 3.93
C SER A 160 16.46 14.15 4.80
N PRO A 161 17.14 14.91 5.69
CA PRO A 161 16.44 16.00 6.39
C PRO A 161 15.63 16.95 5.47
N GLN A 162 16.07 17.13 4.23
CA GLN A 162 15.37 18.03 3.29
C GLN A 162 13.91 17.67 3.07
N VAL A 163 13.58 16.39 3.04
CA VAL A 163 12.24 15.94 2.67
C VAL A 163 11.36 15.57 3.85
N GLN A 164 11.91 15.59 5.05
CA GLN A 164 11.10 15.14 6.20
C GLN A 164 9.79 15.92 6.40
N PRO A 165 9.80 17.24 6.24
CA PRO A 165 8.52 17.96 6.34
C PRO A 165 7.48 17.55 5.32
N THR A 166 7.88 17.24 4.08
CA THR A 166 6.96 16.71 3.10
C THR A 166 6.32 15.42 3.58
N LEU A 167 7.13 14.53 4.13
CA LEU A 167 6.63 13.26 4.58
C LEU A 167 5.76 13.39 5.85
N ARG A 168 6.12 14.33 6.73
CA ARG A 168 5.26 14.65 7.88
C ARG A 168 3.90 15.22 7.40
N ARG A 169 3.94 16.16 6.45
CA ARG A 169 2.68 16.71 5.91
C ARG A 169 1.86 15.60 5.27
N ASN A 170 2.50 14.67 4.55
CA ASN A 170 1.77 13.51 4.00
C ASN A 170 0.98 12.79 5.10
N GLN A 171 1.64 12.56 6.22
CA GLN A 171 0.99 11.88 7.36
C GLN A 171 -0.17 12.68 7.96
N GLU A 172 -0.01 13.99 8.05
CA GLU A 172 -1.11 14.87 8.47
C GLU A 172 -2.31 14.76 7.53
N GLN A 173 -2.04 14.75 6.22
CA GLN A 173 -3.11 14.66 5.23
C GLN A 173 -3.78 13.30 5.25
N LEU A 174 -2.98 12.27 5.50
CA LEU A 174 -3.49 10.89 5.66
C LEU A 174 -4.52 10.82 6.79
N TYR A 175 -4.14 11.32 7.95
CA TYR A 175 -5.01 11.27 9.14
C TYR A 175 -6.31 12.07 8.92
N SER A 176 -6.16 13.26 8.35
CA SER A 176 -7.31 14.09 8.07
C SER A 176 -8.25 13.44 7.01
N PHE A 177 -7.64 12.79 6.03
CA PHE A 177 -8.34 12.00 5.04
C PHE A 177 -9.19 10.92 5.74
N LEU A 178 -8.57 10.22 6.66
CA LEU A 178 -9.25 9.15 7.40
C LEU A 178 -10.33 9.71 8.35
N GLU A 179 -10.10 10.90 8.96
CA GLU A 179 -11.13 11.56 9.75
C GLU A 179 -12.37 11.85 8.93
N ARG A 180 -12.16 12.35 7.72
CA ARG A 180 -13.25 12.68 6.82
C ARG A 180 -14.02 11.46 6.34
N HIS A 181 -13.37 10.32 6.19
CA HIS A 181 -13.99 9.18 5.48
C HIS A 181 -14.21 7.90 6.28
N SER A 182 -13.69 7.83 7.51
CA SER A 182 -13.80 6.58 8.30
C SER A 182 -14.39 6.80 9.69
N PRO A 183 -15.66 6.40 9.90
CA PRO A 183 -16.19 6.44 11.25
C PRO A 183 -15.33 5.64 12.23
N TYR A 184 -14.78 4.52 11.79
CA TYR A 184 -13.89 3.73 12.66
C TYR A 184 -12.65 4.54 13.07
N PHE A 185 -12.01 5.18 12.10
CA PHE A 185 -10.86 6.02 12.43
C PHE A 185 -11.26 7.12 13.42
N ARG A 186 -12.38 7.80 13.16
CA ARG A 186 -12.82 8.91 13.99
C ARG A 186 -13.00 8.47 15.43
N SER A 187 -13.64 7.31 15.64
CA SER A 187 -13.90 6.84 16.95
C SER A 187 -12.66 6.27 17.63
N HIS A 188 -11.59 6.01 16.88
CA HIS A 188 -10.32 5.57 17.49
C HIS A 188 -9.19 6.55 17.18
N SER A 189 -9.54 7.82 16.95
CA SER A 189 -8.61 8.78 16.35
C SER A 189 -7.33 8.95 17.16
N ALA A 190 -7.49 9.27 18.45
CA ALA A 190 -6.31 9.54 19.31
C ALA A 190 -5.41 8.29 19.46
N GLN A 191 -6.02 7.13 19.68
CA GLN A 191 -5.29 5.88 19.86
C GLN A 191 -4.49 5.52 18.59
N ILE A 192 -5.12 5.66 17.43
CA ILE A 192 -4.46 5.31 16.15
C ILE A 192 -3.31 6.29 15.81
N ARG A 193 -3.56 7.58 15.96
CA ARG A 193 -2.52 8.61 15.77
C ARG A 193 -1.30 8.32 16.65
N SER A 194 -1.54 7.98 17.92
CA SER A 194 -0.43 7.67 18.82
C SER A 194 0.33 6.40 18.38
N ALA A 195 -0.39 5.34 18.05
CA ALA A 195 0.25 4.10 17.64
C ALA A 195 0.91 4.13 16.28
N THR A 196 0.58 5.12 15.43
CA THR A 196 1.11 5.18 14.04
C THR A 196 1.96 6.42 13.75
N SER A 197 2.38 7.11 14.81
CA SER A 197 2.91 8.47 14.69
C SER A 197 4.15 8.60 13.83
N PHE A 198 4.40 9.84 13.40
CA PHE A 198 5.45 10.13 12.42
C PHE A 198 6.86 9.75 12.89
N CYS A 199 7.13 9.94 14.18
CA CYS A 199 8.44 9.58 14.76
C CYS A 199 8.31 8.37 15.73
N HIS A 200 7.30 7.53 15.48
CA HIS A 200 6.95 6.43 16.41
C HIS A 200 8.10 5.44 16.63
N LEU A 201 8.92 5.24 15.59
CA LEU A 201 9.99 4.26 15.58
C LEU A 201 11.37 4.90 15.58
N LYS A 202 11.45 6.18 15.89
CA LYS A 202 12.73 6.87 15.96
C LYS A 202 13.65 6.23 17.01
N ASN A 203 14.88 5.91 16.62
CA ASN A 203 15.88 5.34 17.54
C ASN A 203 16.21 6.30 18.65
N MET A 204 16.48 5.77 19.85
CA MET A 204 16.84 6.60 20.95
C MET A 204 18.29 6.30 21.25
N GLY B 1 0.82 12.41 -5.42
CA GLY B 1 0.84 10.93 -5.36
C GLY B 1 2.24 10.40 -5.49
N VAL B 2 2.35 9.20 -6.04
CA VAL B 2 3.64 8.54 -6.27
C VAL B 2 3.83 8.22 -7.72
N GLN B 3 5.05 8.40 -8.19
CA GLN B 3 5.45 7.91 -9.48
C GLN B 3 5.64 6.39 -9.42
N SER B 4 5.59 5.74 -10.57
CA SER B 4 5.56 4.30 -10.62
C SER B 4 6.30 3.83 -11.84
N LEU B 5 6.87 2.64 -11.74
CA LEU B 5 7.47 1.97 -12.88
C LEU B 5 6.52 0.88 -13.36
N LYS B 6 6.57 0.62 -14.67
CA LYS B 6 5.71 -0.35 -15.32
C LYS B 6 6.55 -1.42 -16.00
N ARG B 7 6.20 -2.69 -15.77
CA ARG B 7 6.93 -3.78 -16.38
C ARG B 7 5.97 -4.80 -16.89
N ARG B 8 6.09 -5.14 -18.18
CA ARG B 8 5.30 -6.22 -18.74
C ARG B 8 5.90 -7.53 -18.23
N ARG B 9 5.08 -8.42 -17.70
CA ARG B 9 5.54 -9.72 -17.27
C ARG B 9 4.63 -10.81 -17.81
N CYS B 10 5.23 -11.86 -18.34
CA CYS B 10 4.53 -13.01 -18.87
C CYS B 10 5.11 -14.25 -18.21
N PHE B 11 4.25 -15.21 -17.94
CA PHE B 11 4.60 -16.36 -17.17
C PHE B 11 4.27 -17.65 -17.91
#